data_8Q57
#
_entry.id   8Q57
#
_cell.length_a   90.734
_cell.length_b   87.525
_cell.length_c   104.312
_cell.angle_alpha   90.00
_cell.angle_beta   107.73
_cell.angle_gamma   90.00
#
_symmetry.space_group_name_H-M   'I 1 2 1'
#
loop_
_entity.id
_entity.type
_entity.pdbx_description
1 polymer 'Tagatose-1,6-bisphosphate aldolase kbaY'
2 non-polymer 'SULFATE ION'
3 non-polymer 'ZINC ION'
4 non-polymer 'SODIUM ION'
5 non-polymer 2-[BIS-(2-HYDROXY-ETHYL)-AMINO]-2-HYDROXYMETHYL-PROPANE-1,3-DIOL
6 water water
#
_entity_poly.entity_id   1
_entity_poly.type   'polypeptide(L)'
_entity_poly.pdbx_seq_one_letter_code
;MGSSHHHHHHSSGLVPRGSHMSYVSGNTLIQHAWQHGYAIGAFSVHNAETIRAILLAAEQEQAPVMLQIGQKVISVMGLK
PMKEMIDAFMHDITVPVCIHLDHSRSFEQTMEAVQAGFQSVMFDGSHLSFDENVRITRAVADVAHALNLGVEGEIGKIGG
TEDDISVDEKDALITSCAEALKFSELTTVDYLAVSIGTAHGMYKQEPKLAFERLQEMREIVKKPIVLHGGSGVPDEQIRR
AITLGVAKVNVDTELRQAFTQGVSEVLAASPDEYVLAVSLGRGRDVMQQKVIEKIRLFGSQGQAAAFAG
;
_entity_poly.pdbx_strand_id   A,B
#
loop_
_chem_comp.id
_chem_comp.type
_chem_comp.name
_chem_comp.formula
BTB non-polymer 2-[BIS-(2-HYDROXY-ETHYL)-AMINO]-2-HYDROXYMETHYL-PROPANE-1,3-DIOL 'C8 H19 N O5'
NA non-polymer 'SODIUM ION' 'Na 1'
SO4 non-polymer 'SULFATE ION' 'O4 S -2'
ZN non-polymer 'ZINC ION' 'Zn 2'
#
# COMPACT_ATOMS: atom_id res chain seq x y z
N MET A 21 -1.58 -18.50 -3.37
CA MET A 21 -1.61 -18.56 -1.88
C MET A 21 -3.06 -18.36 -1.45
N SER A 22 -3.53 -19.18 -0.50
CA SER A 22 -4.91 -19.13 -0.01
C SER A 22 -5.08 -17.98 1.00
N TYR A 23 -4.71 -16.73 0.65
CA TYR A 23 -4.76 -15.61 1.59
C TYR A 23 -6.13 -14.98 1.54
N VAL A 24 -6.63 -14.57 2.70
CA VAL A 24 -7.99 -14.05 2.83
C VAL A 24 -7.95 -12.83 3.74
N SER A 25 -8.74 -11.80 3.38
CA SER A 25 -8.94 -10.64 4.23
C SER A 25 -9.27 -11.02 5.67
N GLY A 26 -8.63 -10.35 6.62
CA GLY A 26 -8.96 -10.53 8.02
C GLY A 26 -10.43 -10.19 8.30
N ASN A 27 -11.00 -9.22 7.56
CA ASN A 27 -12.39 -8.83 7.79
C ASN A 27 -13.29 -10.03 7.43
N THR A 28 -13.00 -10.70 6.30
CA THR A 28 -13.78 -11.85 5.89
C THR A 28 -13.75 -12.95 6.95
N LEU A 29 -12.55 -13.25 7.46
CA LEU A 29 -12.43 -14.30 8.50
C LEU A 29 -13.17 -13.93 9.77
N ILE A 30 -12.90 -12.73 10.29
CA ILE A 30 -13.44 -12.32 11.56
C ILE A 30 -14.96 -12.18 11.51
N GLN A 31 -15.51 -11.60 10.44
CA GLN A 31 -16.97 -11.46 10.38
C GLN A 31 -17.63 -12.85 10.43
N HIS A 32 -17.05 -13.81 9.72
CA HIS A 32 -17.62 -15.15 9.67
C HIS A 32 -17.57 -15.79 11.06
N ALA A 33 -16.43 -15.67 11.74
CA ALA A 33 -16.29 -16.19 13.09
C ALA A 33 -17.34 -15.58 14.01
N TRP A 34 -17.43 -14.25 13.96
CA TRP A 34 -18.35 -13.50 14.82
C TRP A 34 -19.79 -13.93 14.58
N GLN A 35 -20.16 -14.14 13.32
CA GLN A 35 -21.51 -14.49 12.96
C GLN A 35 -21.83 -15.95 13.32
N HIS A 36 -20.82 -16.78 13.53
CA HIS A 36 -21.01 -18.20 13.78
C HIS A 36 -20.55 -18.63 15.18
N GLY A 37 -20.26 -17.69 16.07
CA GLY A 37 -19.97 -18.05 17.44
C GLY A 37 -18.66 -18.82 17.61
N TYR A 38 -17.62 -18.46 16.83
CA TYR A 38 -16.28 -18.99 17.04
C TYR A 38 -15.30 -17.82 16.94
N ALA A 39 -14.01 -18.12 17.16
CA ALA A 39 -12.96 -17.09 17.05
C ALA A 39 -11.84 -17.62 16.15
N ILE A 40 -11.23 -16.68 15.43
CA ILE A 40 -10.00 -16.90 14.68
C ILE A 40 -8.83 -16.74 15.63
N GLY A 41 -7.95 -17.75 15.66
CA GLY A 41 -6.71 -17.64 16.40
C GLY A 41 -5.69 -16.80 15.64
N ALA A 42 -5.07 -15.88 16.35
CA ALA A 42 -4.10 -14.96 15.80
C ALA A 42 -2.79 -15.31 16.47
N PHE A 43 -1.98 -16.06 15.73
CA PHE A 43 -0.79 -16.68 16.31
C PHE A 43 0.45 -15.92 15.86
N SER A 44 1.23 -15.45 16.83
CA SER A 44 2.41 -14.61 16.53
C SER A 44 3.56 -15.48 16.00
N VAL A 45 4.20 -14.99 14.92
CA VAL A 45 5.29 -15.68 14.27
C VAL A 45 6.62 -15.01 14.60
N HIS A 46 7.71 -15.80 14.59
CA HIS A 46 9.02 -15.31 15.01
C HIS A 46 10.17 -15.76 14.10
N ASN A 47 9.96 -16.81 13.32
CA ASN A 47 11.03 -17.38 12.51
C ASN A 47 10.44 -18.47 11.68
N ALA A 48 11.29 -19.31 11.01
CA ALA A 48 10.75 -20.29 10.08
C ALA A 48 9.95 -21.38 10.82
N GLU A 49 10.55 -21.92 11.89
CA GLU A 49 9.94 -23.07 12.56
C GLU A 49 8.60 -22.65 13.18
N THR A 50 8.51 -21.44 13.70
CA THR A 50 7.24 -20.97 14.31
C THR A 50 6.16 -20.76 13.24
N ILE A 51 6.54 -20.24 12.05
CA ILE A 51 5.60 -20.16 10.96
C ILE A 51 5.08 -21.56 10.63
N ARG A 52 6.00 -22.51 10.43
CA ARG A 52 5.59 -23.86 10.07
C ARG A 52 4.71 -24.49 11.13
N ALA A 53 5.02 -24.32 12.41
CA ALA A 53 4.19 -24.92 13.46
C ALA A 53 2.73 -24.46 13.32
N ILE A 54 2.54 -23.16 13.08
CA ILE A 54 1.19 -22.58 12.95
C ILE A 54 0.48 -23.07 11.69
N LEU A 55 1.16 -23.00 10.54
CA LEU A 55 0.55 -23.40 9.28
C LEU A 55 0.20 -24.89 9.25
N LEU A 56 1.09 -25.72 9.81
CA LEU A 56 0.86 -27.17 9.81
C LEU A 56 -0.33 -27.45 10.74
N ALA A 57 -0.41 -26.72 11.86
CA ALA A 57 -1.54 -26.89 12.78
C ALA A 57 -2.85 -26.53 12.09
N ALA A 58 -2.86 -25.41 11.35
CA ALA A 58 -4.08 -24.96 10.69
C ALA A 58 -4.47 -25.92 9.60
N GLU A 59 -3.48 -26.41 8.82
CA GLU A 59 -3.77 -27.31 7.74
C GLU A 59 -4.35 -28.64 8.28
N GLN A 60 -3.77 -29.16 9.36
CA GLN A 60 -4.27 -30.40 9.97
C GLN A 60 -5.70 -30.22 10.47
N GLU A 61 -5.98 -29.09 11.12
CA GLU A 61 -7.29 -28.82 11.70
C GLU A 61 -8.31 -28.26 10.71
N GLN A 62 -7.88 -27.99 9.44
CA GLN A 62 -8.75 -27.36 8.46
C GLN A 62 -9.37 -26.10 9.05
N ALA A 63 -8.51 -25.21 9.56
CA ALA A 63 -8.93 -24.05 10.31
C ALA A 63 -8.41 -22.79 9.61
N PRO A 64 -9.21 -21.71 9.52
CA PRO A 64 -8.70 -20.40 9.10
C PRO A 64 -7.82 -19.88 10.24
N VAL A 65 -6.74 -19.17 9.92
CA VAL A 65 -5.82 -18.70 10.93
CA VAL A 65 -5.85 -18.67 10.95
C VAL A 65 -5.27 -17.33 10.52
N MET A 66 -4.90 -16.57 11.54
CA MET A 66 -4.15 -15.35 11.38
CA MET A 66 -4.15 -15.35 11.38
C MET A 66 -2.74 -15.58 11.90
N LEU A 67 -1.75 -15.10 11.10
CA LEU A 67 -0.38 -15.12 11.54
C LEU A 67 -0.02 -13.69 11.84
N GLN A 68 0.42 -13.44 13.06
CA GLN A 68 0.68 -12.07 13.47
C GLN A 68 2.17 -11.77 13.37
N ILE A 69 2.52 -10.71 12.64
CA ILE A 69 3.87 -10.14 12.62
C ILE A 69 3.84 -8.91 13.51
N GLY A 70 4.46 -9.00 14.68
CA GLY A 70 4.43 -7.94 15.66
C GLY A 70 5.74 -7.18 15.77
N GLN A 71 5.81 -6.33 16.81
CA GLN A 71 6.91 -5.39 16.93
C GLN A 71 8.25 -6.08 17.18
N LYS A 72 8.27 -7.10 18.04
CA LYS A 72 9.52 -7.74 18.39
C LYS A 72 10.11 -8.43 17.16
N VAL A 73 9.30 -9.16 16.39
CA VAL A 73 9.86 -9.86 15.24
C VAL A 73 10.30 -8.85 14.18
N ILE A 74 9.59 -7.74 14.04
CA ILE A 74 10.00 -6.72 13.11
C ILE A 74 11.39 -6.22 13.48
N SER A 75 11.62 -5.97 14.78
CA SER A 75 12.91 -5.50 15.24
C SER A 75 14.01 -6.53 14.97
N VAL A 76 13.73 -7.83 15.01
CA VAL A 76 14.73 -8.88 14.84
C VAL A 76 14.94 -9.25 13.36
N MET A 77 13.86 -9.54 12.64
CA MET A 77 13.90 -10.14 11.32
C MET A 77 13.51 -9.13 10.23
N GLY A 78 12.66 -8.13 10.55
CA GLY A 78 12.19 -7.18 9.55
C GLY A 78 10.76 -7.54 9.11
N LEU A 79 9.95 -6.50 8.82
CA LEU A 79 8.57 -6.68 8.39
C LEU A 79 8.50 -7.42 7.05
N LYS A 80 9.15 -6.86 6.01
CA LYS A 80 9.05 -7.45 4.69
C LYS A 80 9.66 -8.87 4.65
N PRO A 81 10.82 -9.12 5.28
CA PRO A 81 11.37 -10.49 5.32
C PRO A 81 10.43 -11.51 5.95
N MET A 82 9.67 -11.11 6.99
CA MET A 82 8.76 -12.04 7.65
C MET A 82 7.58 -12.31 6.74
N LYS A 83 7.10 -11.28 6.03
CA LYS A 83 6.03 -11.52 5.07
C LYS A 83 6.47 -12.51 4.01
N GLU A 84 7.67 -12.28 3.45
CA GLU A 84 8.20 -13.11 2.39
C GLU A 84 8.45 -14.53 2.88
N MET A 85 8.79 -14.68 4.16
CA MET A 85 9.05 -15.99 4.72
CA MET A 85 9.06 -16.00 4.69
C MET A 85 7.74 -16.76 4.83
N ILE A 86 6.65 -16.07 5.23
CA ILE A 86 5.34 -16.74 5.25
C ILE A 86 5.00 -17.21 3.85
N ASP A 87 5.13 -16.31 2.86
CA ASP A 87 4.83 -16.64 1.48
C ASP A 87 5.57 -17.93 1.09
N ALA A 88 6.82 -18.04 1.52
CA ALA A 88 7.67 -19.16 1.10
C ALA A 88 7.13 -20.48 1.63
N PHE A 89 6.47 -20.44 2.80
CA PHE A 89 5.99 -21.65 3.46
C PHE A 89 4.51 -21.94 3.18
N MET A 90 3.90 -21.22 2.24
CA MET A 90 2.48 -21.38 1.92
C MET A 90 2.25 -22.40 0.79
N HIS A 91 3.34 -23.00 0.27
CA HIS A 91 3.30 -23.80 -0.95
C HIS A 91 2.31 -24.96 -0.78
N ASP A 92 2.24 -25.59 0.39
CA ASP A 92 1.42 -26.78 0.56
C ASP A 92 0.19 -26.49 1.43
N ILE A 93 -0.20 -25.22 1.59
CA ILE A 93 -1.24 -24.85 2.53
C ILE A 93 -2.50 -24.51 1.76
N THR A 94 -3.64 -25.06 2.18
CA THR A 94 -4.89 -24.85 1.45
C THR A 94 -5.93 -24.10 2.29
N VAL A 95 -5.70 -23.94 3.60
CA VAL A 95 -6.63 -23.26 4.48
C VAL A 95 -6.52 -21.75 4.36
N PRO A 96 -7.56 -20.99 4.76
CA PRO A 96 -7.48 -19.53 4.75
C PRO A 96 -6.42 -19.03 5.71
N VAL A 97 -5.55 -18.14 5.22
CA VAL A 97 -4.50 -17.56 6.02
C VAL A 97 -4.55 -16.05 5.83
N CYS A 98 -4.43 -15.34 6.95
CA CYS A 98 -4.40 -13.90 6.95
C CYS A 98 -3.13 -13.46 7.66
N ILE A 99 -2.27 -12.68 6.98
CA ILE A 99 -1.10 -12.08 7.63
C ILE A 99 -1.51 -10.73 8.23
N HIS A 100 -1.25 -10.56 9.54
CA HIS A 100 -1.75 -9.46 10.32
C HIS A 100 -0.57 -8.75 10.98
N LEU A 101 -0.53 -7.42 10.87
CA LEU A 101 0.42 -6.56 11.57
C LEU A 101 -0.08 -6.28 12.97
N ASP A 102 0.71 -6.64 13.98
CA ASP A 102 0.25 -6.49 15.37
C ASP A 102 0.98 -5.35 16.06
N HIS A 103 0.23 -4.60 16.89
CA HIS A 103 0.78 -3.62 17.80
C HIS A 103 1.50 -2.47 17.11
N SER A 104 1.10 -2.09 15.89
CA SER A 104 1.78 -1.00 15.22
C SER A 104 1.44 0.31 15.91
N ARG A 105 2.46 1.12 16.22
CA ARG A 105 2.26 2.44 16.79
C ARG A 105 2.75 3.50 15.82
N SER A 106 2.84 3.17 14.53
CA SER A 106 3.34 4.06 13.52
C SER A 106 2.45 3.96 12.28
N PHE A 107 1.94 5.11 11.82
CA PHE A 107 1.25 5.16 10.53
C PHE A 107 2.17 4.67 9.41
N GLU A 108 3.43 5.08 9.44
CA GLU A 108 4.40 4.66 8.45
C GLU A 108 4.56 3.15 8.38
N GLN A 109 4.74 2.49 9.53
CA GLN A 109 4.91 1.05 9.57
C GLN A 109 3.64 0.36 9.09
N THR A 110 2.48 0.88 9.51
CA THR A 110 1.22 0.29 9.07
C THR A 110 1.11 0.38 7.54
N MET A 111 1.50 1.51 6.93
CA MET A 111 1.44 1.64 5.48
C MET A 111 2.46 0.70 4.81
N GLU A 112 3.62 0.44 5.44
CA GLU A 112 4.57 -0.52 4.93
C GLU A 112 3.93 -1.92 4.84
N ALA A 113 3.13 -2.30 5.85
CA ALA A 113 2.48 -3.61 5.85
C ALA A 113 1.44 -3.68 4.72
N VAL A 114 0.76 -2.54 4.50
CA VAL A 114 -0.24 -2.48 3.44
C VAL A 114 0.45 -2.69 2.10
N GLN A 115 1.56 -1.96 1.90
CA GLN A 115 2.31 -2.07 0.65
C GLN A 115 2.91 -3.47 0.47
N ALA A 116 3.28 -4.15 1.56
CA ALA A 116 3.85 -5.48 1.49
C ALA A 116 2.80 -6.55 1.25
N GLY A 117 1.53 -6.17 1.26
CA GLY A 117 0.44 -7.07 0.92
C GLY A 117 -0.11 -7.89 2.09
N PHE A 118 -0.02 -7.35 3.30
CA PHE A 118 -0.73 -7.94 4.43
C PHE A 118 -2.25 -7.99 4.22
N GLN A 119 -2.93 -8.94 4.90
CA GLN A 119 -4.39 -9.08 4.80
C GLN A 119 -5.14 -8.44 5.99
N SER A 120 -4.42 -7.88 6.95
CA SER A 120 -4.99 -7.23 8.13
C SER A 120 -3.90 -6.40 8.79
N VAL A 121 -4.28 -5.23 9.32
CA VAL A 121 -3.38 -4.42 10.10
C VAL A 121 -4.05 -3.95 11.40
N MET A 122 -3.26 -3.88 12.45
CA MET A 122 -3.66 -3.23 13.68
C MET A 122 -2.81 -1.96 13.85
N PHE A 123 -3.50 -0.79 13.83
CA PHE A 123 -2.92 0.43 14.34
C PHE A 123 -3.36 0.55 15.80
N ASP A 124 -2.38 0.50 16.69
CA ASP A 124 -2.59 0.49 18.13
C ASP A 124 -2.32 1.89 18.62
N GLY A 125 -3.35 2.69 18.69
CA GLY A 125 -3.17 4.09 19.12
C GLY A 125 -3.51 4.27 20.60
N SER A 126 -3.53 3.17 21.35
CA SER A 126 -4.09 3.15 22.69
C SER A 126 -3.28 4.02 23.65
N HIS A 127 -2.03 4.37 23.30
CA HIS A 127 -1.25 5.28 24.13
C HIS A 127 -1.42 6.73 23.69
N LEU A 128 -2.19 6.99 22.63
CA LEU A 128 -2.45 8.36 22.23
C LEU A 128 -3.71 8.86 22.94
N SER A 129 -3.90 10.16 22.87
CA SER A 129 -5.15 10.79 23.24
C SER A 129 -6.27 10.21 22.37
N PHE A 130 -7.50 10.27 22.87
CA PHE A 130 -8.64 9.71 22.17
C PHE A 130 -8.72 10.28 20.77
N ASP A 131 -8.60 11.61 20.66
CA ASP A 131 -8.81 12.25 19.38
C ASP A 131 -7.70 11.83 18.40
N GLU A 132 -6.46 11.69 18.89
CA GLU A 132 -5.33 11.35 18.03
C GLU A 132 -5.41 9.89 17.59
N ASN A 133 -5.79 9.02 18.52
CA ASN A 133 -6.02 7.62 18.22
C ASN A 133 -7.11 7.53 17.13
N VAL A 134 -8.24 8.20 17.32
CA VAL A 134 -9.28 8.24 16.31
C VAL A 134 -8.74 8.71 14.96
N ARG A 135 -7.96 9.80 14.96
CA ARG A 135 -7.55 10.42 13.70
C ARG A 135 -6.71 9.45 12.86
N ILE A 136 -5.73 8.82 13.49
CA ILE A 136 -4.80 7.97 12.76
C ILE A 136 -5.46 6.64 12.44
N THR A 137 -6.20 6.07 13.39
CA THR A 137 -6.87 4.81 13.16
C THR A 137 -7.84 4.96 11.98
N ARG A 138 -8.58 6.09 11.90
CA ARG A 138 -9.52 6.27 10.83
C ARG A 138 -8.75 6.32 9.50
N ALA A 139 -7.62 7.04 9.47
CA ALA A 139 -6.83 7.13 8.24
C ALA A 139 -6.41 5.72 7.77
N VAL A 140 -5.93 4.88 8.71
CA VAL A 140 -5.56 3.50 8.41
C VAL A 140 -6.79 2.74 7.93
N ALA A 141 -7.93 2.91 8.60
CA ALA A 141 -9.13 2.18 8.21
C ALA A 141 -9.54 2.50 6.79
N ASP A 142 -9.39 3.76 6.38
CA ASP A 142 -9.84 4.15 5.05
C ASP A 142 -8.98 3.45 3.99
N VAL A 143 -7.68 3.35 4.28
CA VAL A 143 -6.76 2.62 3.39
C VAL A 143 -7.14 1.14 3.35
N ALA A 144 -7.36 0.54 4.53
CA ALA A 144 -7.70 -0.87 4.57
C ALA A 144 -8.97 -1.17 3.81
N HIS A 145 -10.01 -0.36 4.04
CA HIS A 145 -11.28 -0.57 3.37
C HIS A 145 -11.10 -0.48 1.86
N ALA A 146 -10.34 0.52 1.40
CA ALA A 146 -10.05 0.66 -0.02
C ALA A 146 -9.46 -0.60 -0.65
N LEU A 147 -8.57 -1.30 0.08
CA LEU A 147 -7.83 -2.43 -0.44
C LEU A 147 -8.37 -3.81 0.03
N ASN A 148 -9.51 -3.82 0.68
CA ASN A 148 -10.14 -5.08 1.10
CA ASN A 148 -10.16 -5.06 1.13
C ASN A 148 -9.22 -5.84 2.05
N LEU A 149 -8.62 -5.14 3.01
CA LEU A 149 -7.94 -5.83 4.08
C LEU A 149 -8.56 -5.42 5.41
N GLY A 150 -8.36 -6.27 6.40
CA GLY A 150 -8.95 -6.03 7.70
C GLY A 150 -8.20 -4.94 8.48
N VAL A 151 -8.96 -4.21 9.32
CA VAL A 151 -8.34 -3.22 10.18
C VAL A 151 -8.85 -3.38 11.63
N GLU A 152 -7.89 -3.41 12.53
CA GLU A 152 -8.07 -3.48 13.98
C GLU A 152 -7.58 -2.17 14.58
N GLY A 153 -8.33 -1.67 15.57
CA GLY A 153 -7.83 -0.63 16.46
C GLY A 153 -8.07 -1.02 17.92
N GLU A 154 -7.50 -0.23 18.83
CA GLU A 154 -7.56 -0.49 20.27
C GLU A 154 -7.92 0.79 21.00
N ILE A 155 -8.91 0.64 21.90
CA ILE A 155 -9.27 1.73 22.81
C ILE A 155 -9.21 1.16 24.22
N GLY A 156 -8.34 1.76 25.04
CA GLY A 156 -7.99 1.23 26.35
C GLY A 156 -6.65 0.51 26.31
N LYS A 157 -5.79 0.83 27.28
CA LYS A 157 -4.45 0.27 27.37
C LYS A 157 -4.52 -1.19 27.83
N ILE A 158 -3.69 -2.04 27.22
CA ILE A 158 -3.44 -3.41 27.68
C ILE A 158 -1.93 -3.50 27.92
N GLY A 159 -1.54 -3.71 29.17
CA GLY A 159 -0.12 -3.73 29.53
C GLY A 159 0.41 -5.16 29.69
N GLY A 160 1.47 -5.27 30.52
CA GLY A 160 2.13 -6.55 30.75
C GLY A 160 1.69 -7.14 32.09
N THR A 161 1.93 -8.44 32.28
CA THR A 161 1.59 -9.12 33.52
C THR A 161 2.54 -8.66 34.65
N GLU A 162 3.70 -8.07 34.29
CA GLU A 162 4.53 -7.26 35.20
C GLU A 162 4.76 -8.02 36.51
N LEU A 173 -7.96 -0.36 34.26
CA LEU A 173 -8.72 0.44 33.25
C LEU A 173 -9.36 -0.53 32.27
N ILE A 174 -10.50 -1.09 32.67
CA ILE A 174 -11.45 -1.68 31.75
C ILE A 174 -12.03 -0.57 30.87
N THR A 175 -12.07 -0.81 29.55
CA THR A 175 -12.68 0.09 28.58
C THR A 175 -14.18 0.29 28.88
N SER A 176 -14.64 1.54 28.81
CA SER A 176 -16.06 1.85 28.95
C SER A 176 -16.79 1.57 27.64
N CYS A 177 -18.08 1.22 27.75
CA CYS A 177 -18.94 1.13 26.58
C CYS A 177 -18.99 2.43 25.79
N ALA A 178 -19.01 3.58 26.45
CA ALA A 178 -19.14 4.82 25.74
C ALA A 178 -17.93 5.10 24.84
N GLU A 179 -16.73 4.91 25.40
CA GLU A 179 -15.46 5.13 24.71
C GLU A 179 -15.34 4.16 23.54
N ALA A 180 -15.76 2.91 23.76
CA ALA A 180 -15.69 1.87 22.72
C ALA A 180 -16.64 2.17 21.57
N LEU A 181 -17.89 2.61 21.87
CA LEU A 181 -18.84 2.95 20.83
C LEU A 181 -18.38 4.16 20.02
N LYS A 182 -17.93 5.20 20.69
CA LYS A 182 -17.55 6.41 20.00
C LYS A 182 -16.35 6.09 19.11
N PHE A 183 -15.35 5.44 19.69
CA PHE A 183 -14.15 5.07 18.95
C PHE A 183 -14.51 4.22 17.72
N SER A 184 -15.32 3.18 17.92
CA SER A 184 -15.73 2.30 16.83
C SER A 184 -16.42 3.07 15.69
N GLU A 185 -17.37 3.96 16.03
CA GLU A 185 -18.15 4.65 15.02
C GLU A 185 -17.30 5.67 14.27
N LEU A 186 -16.40 6.37 14.98
CA LEU A 186 -15.58 7.38 14.31
C LEU A 186 -14.45 6.77 13.49
N THR A 187 -13.99 5.57 13.83
CA THR A 187 -12.84 4.97 13.13
C THR A 187 -13.26 4.04 11.99
N THR A 188 -14.46 3.42 12.09
CA THR A 188 -14.91 2.40 11.15
C THR A 188 -14.01 1.17 11.18
N VAL A 189 -13.34 0.90 12.30
CA VAL A 189 -12.56 -0.34 12.40
C VAL A 189 -13.46 -1.55 12.18
N ASP A 190 -12.86 -2.66 11.71
CA ASP A 190 -13.58 -3.88 11.44
C ASP A 190 -13.72 -4.71 12.72
N TYR A 191 -12.66 -4.71 13.53
CA TYR A 191 -12.67 -5.44 14.80
C TYR A 191 -11.89 -4.60 15.80
N LEU A 192 -12.30 -4.72 17.07
CA LEU A 192 -11.89 -3.78 18.09
C LEU A 192 -11.26 -4.50 19.27
N ALA A 193 -10.06 -4.05 19.64
CA ALA A 193 -9.41 -4.50 20.85
C ALA A 193 -9.80 -3.57 22.00
N VAL A 194 -10.17 -4.17 23.14
CA VAL A 194 -10.56 -3.40 24.30
C VAL A 194 -9.85 -4.03 25.50
N SER A 195 -9.77 -3.24 26.57
CA SER A 195 -9.19 -3.68 27.82
C SER A 195 -10.28 -4.31 28.69
N ILE A 196 -10.21 -5.62 28.93
CA ILE A 196 -11.32 -6.34 29.55
C ILE A 196 -10.77 -7.38 30.54
N GLY A 197 -9.56 -7.17 31.06
CA GLY A 197 -9.01 -7.95 32.15
C GLY A 197 -7.81 -8.83 31.76
N THR A 198 -7.31 -8.73 30.52
CA THR A 198 -6.16 -9.49 30.07
C THR A 198 -4.92 -8.60 30.10
N ALA A 199 -3.75 -9.23 29.95
CA ALA A 199 -2.48 -8.54 29.84
C ALA A 199 -1.53 -9.42 29.06
N HIS A 200 -0.46 -8.82 28.54
CA HIS A 200 0.53 -9.57 27.75
CA HIS A 200 0.53 -9.56 27.75
C HIS A 200 1.55 -10.23 28.68
N GLY A 201 1.92 -11.47 28.40
CA GLY A 201 2.98 -12.15 29.14
C GLY A 201 2.43 -13.33 29.93
N MET A 202 3.26 -13.94 30.80
CA MET A 202 2.82 -15.02 31.69
C MET A 202 2.05 -14.38 32.86
N TYR A 203 0.83 -14.87 33.13
CA TYR A 203 0.04 -14.24 34.18
C TYR A 203 0.62 -14.62 35.54
N LYS A 204 0.80 -13.62 36.41
CA LYS A 204 1.15 -13.84 37.82
C LYS A 204 -0.09 -14.36 38.54
N GLN A 205 -1.13 -13.51 38.64
CA GLN A 205 -2.45 -13.90 39.13
C GLN A 205 -3.32 -14.34 37.95
N GLU A 206 -4.12 -15.40 38.13
CA GLU A 206 -5.11 -15.83 37.14
C GLU A 206 -6.02 -14.65 36.77
N PRO A 207 -6.25 -14.36 35.47
CA PRO A 207 -7.12 -13.24 35.09
C PRO A 207 -8.59 -13.59 35.32
N LYS A 208 -9.42 -12.56 35.43
CA LYS A 208 -10.87 -12.69 35.41
C LYS A 208 -11.42 -11.66 34.42
N LEU A 209 -12.00 -12.12 33.31
CA LEU A 209 -12.41 -11.23 32.24
C LEU A 209 -13.65 -10.44 32.66
N ALA A 210 -13.80 -9.22 32.11
CA ALA A 210 -14.96 -8.39 32.36
C ALA A 210 -16.13 -8.81 31.47
N PHE A 211 -16.75 -9.97 31.81
CA PHE A 211 -17.81 -10.53 31.01
C PHE A 211 -19.02 -9.60 30.88
N GLU A 212 -19.39 -8.89 31.95
CA GLU A 212 -20.55 -8.00 31.90
C GLU A 212 -20.27 -6.90 30.88
N ARG A 213 -19.03 -6.37 30.89
CA ARG A 213 -18.65 -5.31 29.97
C ARG A 213 -18.70 -5.83 28.53
N LEU A 214 -18.19 -7.05 28.27
CA LEU A 214 -18.27 -7.60 26.94
C LEU A 214 -19.70 -7.71 26.45
N GLN A 215 -20.61 -8.20 27.33
CA GLN A 215 -22.01 -8.33 26.95
C GLN A 215 -22.61 -6.99 26.53
N GLU A 216 -22.34 -5.92 27.30
CA GLU A 216 -22.83 -4.58 26.96
C GLU A 216 -22.31 -4.17 25.56
N MET A 217 -21.02 -4.41 25.31
CA MET A 217 -20.41 -4.01 24.04
C MET A 217 -21.03 -4.75 22.88
N ARG A 218 -21.39 -6.03 23.06
CA ARG A 218 -22.02 -6.81 22.01
C ARG A 218 -23.29 -6.10 21.54
N GLU A 219 -24.08 -5.57 22.50
CA GLU A 219 -25.36 -4.95 22.19
C GLU A 219 -25.20 -3.50 21.75
N ILE A 220 -24.14 -2.81 22.18
CA ILE A 220 -24.00 -1.40 21.86
C ILE A 220 -23.04 -1.14 20.68
N VAL A 221 -21.88 -1.76 20.72
CA VAL A 221 -20.84 -1.53 19.72
C VAL A 221 -21.12 -2.37 18.46
N LYS A 222 -21.53 -3.62 18.65
CA LYS A 222 -22.05 -4.49 17.60
C LYS A 222 -20.95 -4.74 16.55
N LYS A 223 -19.74 -4.94 17.08
CA LYS A 223 -18.61 -5.35 16.25
C LYS A 223 -17.87 -6.47 16.93
N PRO A 224 -17.14 -7.29 16.15
CA PRO A 224 -16.29 -8.32 16.72
C PRO A 224 -15.21 -7.69 17.58
N ILE A 225 -14.95 -8.39 18.70
CA ILE A 225 -13.98 -7.95 19.68
C ILE A 225 -12.72 -8.79 19.57
N VAL A 226 -11.57 -8.16 19.77
CA VAL A 226 -10.29 -8.84 19.78
C VAL A 226 -9.81 -8.95 21.22
N LEU A 227 -9.42 -10.17 21.61
CA LEU A 227 -8.83 -10.37 22.93
C LEU A 227 -7.32 -10.44 22.81
N HIS A 228 -6.64 -9.40 23.28
CA HIS A 228 -5.20 -9.41 23.47
C HIS A 228 -4.88 -10.18 24.74
N GLY A 229 -3.65 -10.71 24.83
CA GLY A 229 -3.24 -11.37 26.08
C GLY A 229 -3.93 -12.71 26.29
N GLY A 230 -4.19 -13.47 25.20
CA GLY A 230 -4.87 -14.74 25.25
C GLY A 230 -4.06 -15.85 25.91
N SER A 231 -2.74 -15.69 25.98
CA SER A 231 -1.86 -16.72 26.55
C SER A 231 -2.20 -16.91 28.04
N GLY A 232 -2.46 -18.14 28.44
CA GLY A 232 -2.65 -18.44 29.85
C GLY A 232 -4.02 -18.03 30.41
N VAL A 233 -4.94 -17.53 29.58
CA VAL A 233 -6.32 -17.33 30.04
C VAL A 233 -7.00 -18.68 30.18
N PRO A 234 -7.65 -18.99 31.32
CA PRO A 234 -8.37 -20.25 31.44
C PRO A 234 -9.27 -20.54 30.25
N ASP A 235 -9.25 -21.79 29.80
CA ASP A 235 -10.08 -22.22 28.69
C ASP A 235 -11.57 -21.89 28.87
N GLU A 236 -12.09 -22.02 30.10
CA GLU A 236 -13.51 -21.80 30.29
C GLU A 236 -13.86 -20.33 30.00
N GLN A 237 -13.00 -19.40 30.45
CA GLN A 237 -13.22 -18.00 30.24
C GLN A 237 -13.09 -17.63 28.76
N ILE A 238 -12.19 -18.29 28.01
CA ILE A 238 -12.11 -18.07 26.57
C ILE A 238 -13.43 -18.48 25.92
N ARG A 239 -13.91 -19.67 26.25
CA ARG A 239 -15.13 -20.15 25.60
C ARG A 239 -16.27 -19.14 25.88
N ARG A 240 -16.31 -18.61 27.11
CA ARG A 240 -17.41 -17.74 27.49
C ARG A 240 -17.31 -16.42 26.73
N ALA A 241 -16.09 -15.86 26.68
CA ALA A 241 -15.79 -14.63 25.98
C ALA A 241 -16.16 -14.71 24.50
N ILE A 242 -15.95 -15.86 23.86
CA ILE A 242 -16.25 -16.01 22.46
C ILE A 242 -17.75 -15.90 22.27
N THR A 243 -18.53 -16.48 23.20
CA THR A 243 -19.98 -16.38 23.06
C THR A 243 -20.44 -14.93 23.15
N LEU A 244 -19.68 -14.07 23.80
CA LEU A 244 -20.07 -12.70 24.01
C LEU A 244 -19.52 -11.76 22.92
N GLY A 245 -18.83 -12.34 21.91
CA GLY A 245 -18.49 -11.58 20.71
C GLY A 245 -16.99 -11.43 20.49
N VAL A 246 -16.14 -12.04 21.36
CA VAL A 246 -14.73 -12.19 21.00
C VAL A 246 -14.61 -13.12 19.78
N ALA A 247 -14.03 -12.57 18.68
CA ALA A 247 -13.90 -13.29 17.43
C ALA A 247 -12.44 -13.37 16.92
N LYS A 248 -11.52 -12.79 17.66
CA LYS A 248 -10.08 -12.92 17.41
C LYS A 248 -9.39 -13.05 18.75
N VAL A 249 -8.59 -14.11 18.94
CA VAL A 249 -7.82 -14.28 20.15
C VAL A 249 -6.33 -14.34 19.82
N ASN A 250 -5.60 -13.39 20.39
CA ASN A 250 -4.18 -13.24 20.16
C ASN A 250 -3.42 -14.16 21.10
N VAL A 251 -2.53 -15.02 20.53
CA VAL A 251 -1.71 -15.89 21.35
C VAL A 251 -0.28 -15.81 20.88
N ASP A 252 0.64 -15.40 21.76
CA ASP A 252 2.05 -15.33 21.41
C ASP A 252 2.90 -16.07 22.47
N THR A 253 2.91 -15.56 23.70
CA THR A 253 3.76 -16.07 24.76
C THR A 253 3.61 -17.58 24.96
N GLU A 254 2.37 -18.09 24.96
CA GLU A 254 2.12 -19.49 25.20
C GLU A 254 2.73 -20.36 24.10
N LEU A 255 2.82 -19.82 22.87
CA LEU A 255 3.45 -20.56 21.81
C LEU A 255 4.97 -20.56 21.98
N ARG A 256 5.56 -19.42 22.34
CA ARG A 256 6.99 -19.33 22.54
C ARG A 256 7.41 -20.20 23.74
N GLN A 257 6.52 -20.29 24.74
CA GLN A 257 6.78 -21.20 25.87
C GLN A 257 6.81 -22.64 25.38
N ALA A 258 5.81 -23.04 24.57
CA ALA A 258 5.77 -24.38 24.05
C ALA A 258 7.02 -24.68 23.23
N PHE A 259 7.40 -23.75 22.35
CA PHE A 259 8.59 -23.92 21.53
C PHE A 259 9.82 -24.15 22.41
N THR A 260 10.02 -23.27 23.39
CA THR A 260 11.15 -23.27 24.30
C THR A 260 11.19 -24.58 25.12
N GLN A 261 10.01 -25.05 25.53
CA GLN A 261 9.92 -26.32 26.23
C GLN A 261 10.45 -27.45 25.35
N GLY A 262 10.05 -27.53 24.09
CA GLY A 262 10.52 -28.60 23.21
C GLY A 262 12.03 -28.56 23.00
N VAL A 263 12.56 -27.35 22.76
CA VAL A 263 13.98 -27.19 22.54
C VAL A 263 14.72 -27.64 23.81
N SER A 264 14.27 -27.10 24.95
CA SER A 264 14.88 -27.36 26.26
C SER A 264 14.92 -28.85 26.56
N GLU A 265 13.87 -29.57 26.20
CA GLU A 265 13.81 -31.00 26.46
C GLU A 265 14.95 -31.71 25.75
N VAL A 266 15.14 -31.41 24.46
CA VAL A 266 16.22 -32.01 23.69
C VAL A 266 17.57 -31.65 24.29
N LEU A 267 17.81 -30.36 24.55
CA LEU A 267 19.15 -29.91 24.92
C LEU A 267 19.52 -30.27 26.35
N ALA A 268 18.52 -30.41 27.22
CA ALA A 268 18.80 -30.80 28.60
C ALA A 268 19.15 -32.28 28.61
N ALA A 269 18.54 -33.08 27.74
CA ALA A 269 18.79 -34.51 27.66
C ALA A 269 20.08 -34.81 26.90
N SER A 270 20.41 -34.02 25.87
CA SER A 270 21.50 -34.30 24.95
C SER A 270 22.14 -32.97 24.57
N PRO A 271 22.98 -32.42 25.44
CA PRO A 271 23.48 -31.06 25.22
C PRO A 271 24.37 -30.96 23.98
N ASP A 272 24.88 -32.10 23.49
CA ASP A 272 25.72 -32.09 22.29
C ASP A 272 24.93 -32.51 21.05
N GLU A 273 23.61 -32.49 21.14
CA GLU A 273 22.74 -32.67 19.98
C GLU A 273 22.84 -31.39 19.14
N TYR A 274 23.54 -31.48 18.01
CA TYR A 274 23.74 -30.32 17.18
C TYR A 274 22.85 -30.34 15.93
N VAL A 275 22.00 -31.35 15.77
CA VAL A 275 21.11 -31.38 14.63
C VAL A 275 19.90 -30.48 14.97
N LEU A 276 19.83 -29.32 14.28
CA LEU A 276 18.77 -28.33 14.53
C LEU A 276 17.41 -28.91 14.21
N ALA A 277 17.36 -29.82 13.25
CA ALA A 277 16.15 -30.50 12.86
C ALA A 277 15.58 -31.28 14.05
N VAL A 278 16.45 -31.63 15.01
CA VAL A 278 16.02 -32.35 16.19
C VAL A 278 15.66 -31.39 17.32
N SER A 279 16.56 -30.47 17.68
CA SER A 279 16.37 -29.58 18.79
C SER A 279 15.25 -28.57 18.49
N LEU A 280 15.42 -27.84 17.37
CA LEU A 280 14.41 -26.85 17.02
C LEU A 280 13.17 -27.53 16.47
N GLY A 281 13.30 -28.70 15.85
CA GLY A 281 12.16 -29.42 15.33
C GLY A 281 11.26 -29.93 16.47
N ARG A 282 11.85 -30.26 17.63
CA ARG A 282 11.03 -30.65 18.77
C ARG A 282 10.26 -29.43 19.28
N GLY A 283 10.91 -28.27 19.33
CA GLY A 283 10.24 -27.03 19.63
C GLY A 283 9.07 -26.80 18.67
N ARG A 284 9.33 -27.00 17.37
CA ARG A 284 8.27 -26.86 16.37
C ARG A 284 7.11 -27.80 16.71
N ASP A 285 7.41 -29.07 17.04
CA ASP A 285 6.37 -30.06 17.31
C ASP A 285 5.55 -29.69 18.54
N VAL A 286 6.20 -29.26 19.61
CA VAL A 286 5.48 -28.94 20.83
C VAL A 286 4.64 -27.68 20.63
N MET A 287 5.17 -26.69 19.87
CA MET A 287 4.40 -25.50 19.54
C MET A 287 3.23 -25.88 18.63
N GLN A 288 3.40 -26.79 17.68
CA GLN A 288 2.32 -27.18 16.79
C GLN A 288 1.16 -27.79 17.57
N GLN A 289 1.48 -28.66 18.55
CA GLN A 289 0.46 -29.21 19.43
C GLN A 289 -0.31 -28.10 20.18
N LYS A 290 0.38 -27.06 20.66
CA LYS A 290 -0.24 -25.97 21.36
C LYS A 290 -1.16 -25.17 20.44
N VAL A 291 -0.70 -24.95 19.20
CA VAL A 291 -1.56 -24.24 18.24
C VAL A 291 -2.81 -25.07 17.96
N ILE A 292 -2.67 -26.38 17.81
CA ILE A 292 -3.81 -27.24 17.58
C ILE A 292 -4.79 -27.12 18.75
N GLU A 293 -4.27 -27.11 19.97
CA GLU A 293 -5.07 -26.96 21.19
C GLU A 293 -5.86 -25.65 21.16
N LYS A 294 -5.20 -24.53 20.78
CA LYS A 294 -5.89 -23.26 20.69
C LYS A 294 -6.94 -23.20 19.59
N ILE A 295 -6.62 -23.75 18.40
CA ILE A 295 -7.53 -23.76 17.27
C ILE A 295 -8.84 -24.40 17.77
N ARG A 296 -8.70 -25.52 18.49
CA ARG A 296 -9.90 -26.24 18.89
C ARG A 296 -10.62 -25.49 19.99
N LEU A 297 -9.89 -24.91 20.91
CA LEU A 297 -10.47 -24.10 21.95
C LEU A 297 -11.35 -23.00 21.34
N PHE A 298 -10.85 -22.38 20.26
CA PHE A 298 -11.52 -21.24 19.66
C PHE A 298 -12.72 -21.67 18.83
N GLY A 299 -12.86 -22.95 18.52
CA GLY A 299 -13.94 -23.45 17.70
C GLY A 299 -13.73 -23.26 16.21
N SER A 300 -12.48 -23.02 15.80
CA SER A 300 -12.16 -22.74 14.40
C SER A 300 -11.82 -23.99 13.59
N GLN A 301 -11.68 -25.17 14.23
CA GLN A 301 -11.40 -26.38 13.48
C GLN A 301 -12.54 -26.68 12.52
N GLY A 302 -12.20 -27.13 11.30
CA GLY A 302 -13.16 -27.51 10.26
C GLY A 302 -13.78 -26.34 9.52
N GLN A 303 -13.48 -25.09 9.95
CA GLN A 303 -14.21 -23.96 9.41
C GLN A 303 -13.61 -23.50 8.09
N ALA A 304 -12.47 -24.06 7.67
CA ALA A 304 -11.91 -23.74 6.36
C ALA A 304 -12.94 -23.91 5.24
N ALA A 305 -13.82 -24.93 5.36
CA ALA A 305 -14.83 -25.23 4.34
C ALA A 305 -15.75 -24.04 4.06
N ALA A 306 -15.99 -23.21 5.06
CA ALA A 306 -16.91 -22.07 4.92
C ALA A 306 -16.36 -21.00 3.98
N PHE A 307 -15.07 -21.05 3.62
CA PHE A 307 -14.51 -19.96 2.84
C PHE A 307 -14.22 -20.38 1.41
N ALA A 308 -14.22 -21.70 1.15
CA ALA A 308 -14.16 -22.21 -0.21
C ALA A 308 -15.39 -21.72 -0.98
N GLY A 309 -16.57 -21.84 -0.35
CA GLY A 309 -17.81 -21.32 -0.90
C GLY A 309 -18.93 -21.34 0.14
N MET B 21 16.42 -3.10 -10.02
CA MET B 21 15.68 -2.14 -10.87
C MET B 21 15.91 -0.74 -10.34
N SER B 22 16.27 0.20 -11.23
CA SER B 22 16.66 1.55 -10.87
C SER B 22 15.44 2.46 -10.63
N TYR B 23 14.52 2.09 -9.72
CA TYR B 23 13.31 2.88 -9.49
C TYR B 23 13.57 3.95 -8.43
N VAL B 24 13.05 5.14 -8.64
CA VAL B 24 13.28 6.27 -7.76
C VAL B 24 11.97 6.98 -7.50
N SER B 25 11.77 7.42 -6.24
CA SER B 25 10.63 8.24 -5.87
C SER B 25 10.43 9.41 -6.84
N GLY B 26 9.18 9.65 -7.21
CA GLY B 26 8.82 10.84 -7.95
C GLY B 26 9.21 12.14 -7.27
N ASN B 27 9.15 12.16 -5.93
CA ASN B 27 9.49 13.38 -5.20
C ASN B 27 10.98 13.65 -5.41
N THR B 28 11.82 12.63 -5.28
CA THR B 28 13.27 12.79 -5.46
C THR B 28 13.58 13.36 -6.83
N LEU B 29 12.96 12.78 -7.87
CA LEU B 29 13.19 13.25 -9.23
C LEU B 29 12.74 14.68 -9.45
N ILE B 30 11.48 14.96 -9.10
CA ILE B 30 10.90 16.27 -9.40
C ILE B 30 11.60 17.37 -8.60
N GLN B 31 11.94 17.09 -7.33
CA GLN B 31 12.62 18.10 -6.52
C GLN B 31 13.93 18.46 -7.19
N HIS B 32 14.66 17.46 -7.68
CA HIS B 32 15.99 17.71 -8.23
C HIS B 32 15.85 18.54 -9.49
N ALA B 33 14.89 18.18 -10.35
CA ALA B 33 14.59 18.96 -11.54
C ALA B 33 14.27 20.40 -11.16
N TRP B 34 13.39 20.60 -10.19
CA TRP B 34 12.94 21.93 -9.82
C TRP B 34 14.10 22.74 -9.26
N GLN B 35 14.92 22.09 -8.47
CA GLN B 35 16.06 22.74 -7.84
C GLN B 35 17.06 23.17 -8.90
N HIS B 36 17.11 22.48 -10.05
CA HIS B 36 18.17 22.74 -11.02
C HIS B 36 17.64 23.32 -12.32
N GLY B 37 16.37 23.73 -12.36
CA GLY B 37 15.82 24.42 -13.51
C GLY B 37 15.64 23.51 -14.72
N TYR B 38 15.27 22.23 -14.53
CA TYR B 38 14.90 21.37 -15.66
C TYR B 38 13.61 20.65 -15.28
N ALA B 39 13.08 19.88 -16.25
CA ALA B 39 11.87 19.12 -16.00
C ALA B 39 12.09 17.64 -16.31
N ILE B 40 11.33 16.80 -15.60
CA ILE B 40 11.25 15.37 -15.85
C ILE B 40 10.10 15.19 -16.83
N GLY B 41 10.34 14.46 -17.88
CA GLY B 41 9.27 14.11 -18.80
C GLY B 41 8.46 12.94 -18.21
N ALA B 42 7.14 13.08 -18.28
CA ALA B 42 6.23 12.06 -17.78
C ALA B 42 5.49 11.51 -18.99
N PHE B 43 5.97 10.37 -19.45
CA PHE B 43 5.54 9.82 -20.73
C PHE B 43 4.53 8.69 -20.50
N SER B 44 3.36 8.83 -21.10
CA SER B 44 2.28 7.86 -20.90
C SER B 44 2.57 6.57 -21.68
N VAL B 45 2.33 5.43 -21.01
CA VAL B 45 2.59 4.11 -21.58
C VAL B 45 1.27 3.43 -21.89
N HIS B 46 1.28 2.54 -22.91
CA HIS B 46 0.05 1.92 -23.38
C HIS B 46 0.20 0.42 -23.66
N ASN B 47 1.42 -0.07 -23.83
CA ASN B 47 1.64 -1.45 -24.22
C ASN B 47 3.13 -1.71 -24.17
N ALA B 48 3.58 -2.83 -24.75
CA ALA B 48 4.98 -3.19 -24.59
C ALA B 48 5.88 -2.25 -25.40
N GLU B 49 5.51 -2.04 -26.67
CA GLU B 49 6.36 -1.26 -27.57
C GLU B 49 6.48 0.18 -27.09
N THR B 50 5.40 0.75 -26.54
CA THR B 50 5.44 2.12 -26.02
C THR B 50 6.32 2.18 -24.77
N ILE B 51 6.22 1.19 -23.88
CA ILE B 51 7.14 1.16 -22.75
C ILE B 51 8.59 1.15 -23.23
N ARG B 52 8.89 0.25 -24.17
CA ARG B 52 10.25 0.14 -24.67
C ARG B 52 10.72 1.42 -25.34
N ALA B 53 9.86 2.09 -26.11
CA ALA B 53 10.27 3.33 -26.76
C ALA B 53 10.80 4.31 -25.71
N ILE B 54 10.04 4.47 -24.60
CA ILE B 54 10.36 5.43 -23.57
C ILE B 54 11.63 5.04 -22.83
N LEU B 55 11.71 3.77 -22.40
CA LEU B 55 12.90 3.33 -21.66
C LEU B 55 14.18 3.41 -22.51
N LEU B 56 14.09 3.04 -23.78
CA LEU B 56 15.26 3.07 -24.65
C LEU B 56 15.69 4.52 -24.90
N ALA B 57 14.72 5.42 -25.01
CA ALA B 57 15.02 6.84 -25.16
C ALA B 57 15.75 7.34 -23.92
N ALA B 58 15.23 7.00 -22.73
CA ALA B 58 15.83 7.48 -21.49
C ALA B 58 17.23 6.93 -21.31
N GLU B 59 17.40 5.64 -21.61
CA GLU B 59 18.70 5.00 -21.42
C GLU B 59 19.74 5.65 -22.37
N GLN B 60 19.37 5.86 -23.62
CA GLN B 60 20.24 6.52 -24.60
C GLN B 60 20.63 7.94 -24.13
N GLU B 61 19.65 8.72 -23.66
CA GLU B 61 19.89 10.09 -23.24
C GLU B 61 20.44 10.22 -21.82
N GLN B 62 20.61 9.10 -21.09
CA GLN B 62 21.00 9.09 -19.68
C GLN B 62 20.14 10.10 -18.91
N ALA B 63 18.82 9.93 -19.01
CA ALA B 63 17.85 10.88 -18.47
C ALA B 63 16.96 10.17 -17.46
N PRO B 64 16.60 10.81 -16.32
CA PRO B 64 15.54 10.30 -15.45
C PRO B 64 14.22 10.48 -16.16
N VAL B 65 13.26 9.54 -16.01
CA VAL B 65 11.98 9.65 -16.67
C VAL B 65 10.88 9.14 -15.73
N MET B 66 9.69 9.64 -15.99
CA MET B 66 8.48 9.08 -15.43
C MET B 66 7.73 8.36 -16.53
N LEU B 67 7.21 7.17 -16.19
CA LEU B 67 6.29 6.45 -17.06
C LEU B 67 4.93 6.56 -16.44
N GLN B 68 3.99 7.14 -17.17
CA GLN B 68 2.67 7.39 -16.59
C GLN B 68 1.71 6.27 -17.00
N ILE B 69 1.06 5.65 -16.03
CA ILE B 69 -0.03 4.71 -16.25
C ILE B 69 -1.32 5.47 -15.94
N GLY B 70 -2.11 5.77 -16.96
CA GLY B 70 -3.29 6.60 -16.81
C GLY B 70 -4.58 5.80 -16.97
N GLN B 71 -5.70 6.53 -17.05
CA GLN B 71 -7.01 5.92 -16.96
C GLN B 71 -7.31 5.07 -18.18
N LYS B 72 -6.93 5.52 -19.38
CA LYS B 72 -7.26 4.76 -20.57
C LYS B 72 -6.53 3.40 -20.56
N VAL B 73 -5.23 3.39 -20.24
CA VAL B 73 -4.52 2.12 -20.28
C VAL B 73 -5.00 1.22 -19.14
N ILE B 74 -5.41 1.79 -18.01
CA ILE B 74 -5.94 0.96 -16.94
C ILE B 74 -7.18 0.22 -17.44
N SER B 75 -8.06 0.95 -18.10
CA SER B 75 -9.28 0.37 -18.67
C SER B 75 -8.98 -0.73 -19.68
N VAL B 76 -7.88 -0.63 -20.46
CA VAL B 76 -7.57 -1.57 -21.50
C VAL B 76 -6.76 -2.77 -20.98
N MET B 77 -5.65 -2.50 -20.32
CA MET B 77 -4.67 -3.50 -19.93
C MET B 77 -4.72 -3.82 -18.44
N GLY B 78 -5.18 -2.89 -17.57
CA GLY B 78 -5.17 -3.10 -16.14
C GLY B 78 -3.99 -2.37 -15.48
N LEU B 79 -4.23 -1.91 -14.25
CA LEU B 79 -3.20 -1.21 -13.49
C LEU B 79 -1.99 -2.09 -13.17
N LYS B 80 -2.25 -3.22 -12.50
CA LYS B 80 -1.17 -4.08 -12.04
C LYS B 80 -0.45 -4.75 -13.22
N PRO B 81 -1.16 -5.19 -14.27
CA PRO B 81 -0.46 -5.73 -15.45
C PRO B 81 0.50 -4.75 -16.12
N MET B 82 0.13 -3.46 -16.13
CA MET B 82 0.99 -2.46 -16.75
C MET B 82 2.22 -2.24 -15.87
N LYS B 83 2.02 -2.24 -14.55
CA LYS B 83 3.17 -2.13 -13.66
C LYS B 83 4.15 -3.26 -13.89
N GLU B 84 3.62 -4.49 -13.92
CA GLU B 84 4.42 -5.68 -14.07
C GLU B 84 5.09 -5.71 -15.44
N MET B 85 4.46 -5.12 -16.46
CA MET B 85 5.05 -5.09 -17.78
CA MET B 85 5.12 -5.17 -17.76
C MET B 85 6.25 -4.14 -17.79
N ILE B 86 6.14 -3.00 -17.09
CA ILE B 86 7.28 -2.10 -16.95
C ILE B 86 8.43 -2.86 -16.27
N ASP B 87 8.13 -3.53 -15.16
CA ASP B 87 9.14 -4.28 -14.44
C ASP B 87 9.88 -5.23 -15.40
N ALA B 88 9.11 -5.89 -16.28
CA ALA B 88 9.69 -6.88 -17.16
C ALA B 88 10.72 -6.26 -18.10
N PHE B 89 10.52 -5.02 -18.49
CA PHE B 89 11.37 -4.33 -19.45
C PHE B 89 12.47 -3.48 -18.82
N MET B 90 12.62 -3.55 -17.49
CA MET B 90 13.64 -2.77 -16.80
C MET B 90 14.99 -3.50 -16.72
N HIS B 91 15.08 -4.74 -17.28
CA HIS B 91 16.23 -5.61 -17.07
C HIS B 91 17.54 -4.89 -17.45
N ASP B 92 17.55 -4.14 -18.56
CA ASP B 92 18.79 -3.56 -19.07
C ASP B 92 18.84 -2.05 -18.86
N ILE B 93 18.02 -1.50 -17.94
CA ILE B 93 17.88 -0.07 -17.80
C ILE B 93 18.63 0.36 -16.56
N THR B 94 19.44 1.43 -16.67
CA THR B 94 20.25 1.90 -15.56
C THR B 94 19.84 3.29 -15.09
N VAL B 95 19.01 4.01 -15.83
CA VAL B 95 18.61 5.37 -15.47
C VAL B 95 17.47 5.38 -14.44
N PRO B 96 17.27 6.48 -13.69
CA PRO B 96 16.17 6.57 -12.75
C PRO B 96 14.84 6.52 -13.48
N VAL B 97 13.96 5.65 -12.98
CA VAL B 97 12.62 5.50 -13.52
C VAL B 97 11.62 5.59 -12.38
N CYS B 98 10.54 6.33 -12.63
CA CYS B 98 9.45 6.48 -11.68
C CYS B 98 8.16 6.09 -12.40
N ILE B 99 7.44 5.09 -11.88
CA ILE B 99 6.11 4.75 -12.39
C ILE B 99 5.06 5.59 -11.64
N HIS B 100 4.25 6.31 -12.43
CA HIS B 100 3.34 7.34 -11.93
C HIS B 100 1.92 7.01 -12.34
N LEU B 101 0.97 7.07 -11.39
CA LEU B 101 -0.46 6.91 -11.68
C LEU B 101 -1.00 8.27 -12.10
N ASP B 102 -1.56 8.37 -13.30
CA ASP B 102 -2.04 9.67 -13.78
C ASP B 102 -3.57 9.75 -13.73
N HIS B 103 -4.07 10.94 -13.37
CA HIS B 103 -5.48 11.29 -13.50
C HIS B 103 -6.40 10.38 -12.69
N SER B 104 -5.93 9.88 -11.55
CA SER B 104 -6.85 9.09 -10.71
C SER B 104 -7.92 9.98 -10.10
N ARG B 105 -9.17 9.53 -10.19
CA ARG B 105 -10.26 10.22 -9.51
C ARG B 105 -10.87 9.34 -8.42
N SER B 106 -10.12 8.29 -8.00
CA SER B 106 -10.59 7.33 -7.03
C SER B 106 -9.51 7.13 -5.96
N PHE B 107 -9.89 7.33 -4.69
CA PHE B 107 -9.02 6.97 -3.58
C PHE B 107 -8.64 5.49 -3.65
N GLU B 108 -9.64 4.64 -3.94
CA GLU B 108 -9.37 3.21 -4.04
C GLU B 108 -8.32 2.86 -5.11
N GLN B 109 -8.46 3.45 -6.32
CA GLN B 109 -7.50 3.18 -7.37
C GLN B 109 -6.11 3.70 -6.99
N THR B 110 -6.07 4.88 -6.37
CA THR B 110 -4.81 5.43 -5.91
C THR B 110 -4.11 4.52 -4.88
N MET B 111 -4.91 3.94 -3.95
CA MET B 111 -4.34 2.97 -3.01
C MET B 111 -3.87 1.68 -3.71
N GLU B 112 -4.57 1.24 -4.75
CA GLU B 112 -4.14 0.10 -5.54
C GLU B 112 -2.75 0.32 -6.16
N ALA B 113 -2.49 1.54 -6.65
CA ALA B 113 -1.18 1.85 -7.22
C ALA B 113 -0.11 1.86 -6.13
N VAL B 114 -0.48 2.34 -4.94
CA VAL B 114 0.45 2.35 -3.82
C VAL B 114 0.82 0.91 -3.49
N GLN B 115 -0.21 0.04 -3.40
CA GLN B 115 0.05 -1.35 -3.06
C GLN B 115 0.84 -2.07 -4.14
N ALA B 116 0.67 -1.68 -5.41
CA ALA B 116 1.38 -2.30 -6.51
C ALA B 116 2.82 -1.80 -6.63
N GLY B 117 3.18 -0.81 -5.82
CA GLY B 117 4.57 -0.36 -5.71
C GLY B 117 4.94 0.74 -6.70
N PHE B 118 3.97 1.59 -7.06
CA PHE B 118 4.26 2.77 -7.87
C PHE B 118 5.21 3.69 -7.10
N GLN B 119 5.95 4.55 -7.82
CA GLN B 119 6.81 5.54 -7.19
C GLN B 119 6.21 6.95 -7.11
N SER B 120 5.04 7.17 -7.66
CA SER B 120 4.32 8.43 -7.64
C SER B 120 2.86 8.20 -7.99
N VAL B 121 1.98 9.00 -7.39
CA VAL B 121 0.57 8.96 -7.70
C VAL B 121 0.02 10.38 -7.84
N MET B 122 -0.92 10.54 -8.79
CA MET B 122 -1.73 11.73 -8.87
C MET B 122 -3.17 11.40 -8.47
N PHE B 123 -3.65 12.02 -7.36
CA PHE B 123 -5.08 12.10 -7.10
C PHE B 123 -5.59 13.42 -7.71
N ASP B 124 -6.42 13.29 -8.75
CA ASP B 124 -6.97 14.45 -9.46
C ASP B 124 -8.35 14.76 -8.91
N GLY B 125 -8.42 15.63 -7.93
CA GLY B 125 -9.69 15.99 -7.30
C GLY B 125 -10.32 17.25 -7.91
N SER B 126 -9.84 17.67 -9.08
CA SER B 126 -10.14 18.99 -9.62
C SER B 126 -11.62 19.13 -10.00
N HIS B 127 -12.34 18.02 -10.15
CA HIS B 127 -13.77 18.05 -10.40
C HIS B 127 -14.59 18.05 -9.11
N LEU B 128 -13.94 17.97 -7.94
CA LEU B 128 -14.64 18.03 -6.68
C LEU B 128 -14.65 19.46 -6.17
N SER B 129 -15.45 19.70 -5.12
CA SER B 129 -15.40 20.92 -4.35
C SER B 129 -14.00 21.08 -3.78
N PHE B 130 -13.59 22.32 -3.52
CA PHE B 130 -12.30 22.61 -2.94
C PHE B 130 -12.10 21.77 -1.69
N ASP B 131 -13.11 21.76 -0.80
CA ASP B 131 -12.93 21.08 0.48
C ASP B 131 -12.71 19.58 0.28
N GLU B 132 -13.46 18.99 -0.65
CA GLU B 132 -13.44 17.54 -0.84
C GLU B 132 -12.16 17.15 -1.57
N ASN B 133 -11.75 17.96 -2.56
CA ASN B 133 -10.43 17.82 -3.18
C ASN B 133 -9.35 17.84 -2.12
N VAL B 134 -9.33 18.86 -1.25
CA VAL B 134 -8.34 18.91 -0.18
C VAL B 134 -8.38 17.65 0.68
N ARG B 135 -9.58 17.19 1.05
CA ARG B 135 -9.71 16.11 2.01
C ARG B 135 -9.08 14.82 1.46
N ILE B 136 -9.43 14.46 0.23
CA ILE B 136 -8.96 13.19 -0.34
C ILE B 136 -7.50 13.34 -0.76
N THR B 137 -7.13 14.46 -1.38
CA THR B 137 -5.75 14.66 -1.77
C THR B 137 -4.83 14.60 -0.55
N ARG B 138 -5.24 15.16 0.59
CA ARG B 138 -4.42 15.13 1.78
C ARG B 138 -4.27 13.68 2.26
N ALA B 139 -5.37 12.91 2.22
CA ALA B 139 -5.28 11.54 2.68
C ALA B 139 -4.26 10.76 1.81
N VAL B 140 -4.32 10.96 0.48
CA VAL B 140 -3.38 10.30 -0.43
C VAL B 140 -1.96 10.75 -0.09
N ALA B 141 -1.77 12.08 0.08
CA ALA B 141 -0.44 12.58 0.40
C ALA B 141 0.16 11.98 1.65
N ASP B 142 -0.66 11.76 2.68
CA ASP B 142 -0.15 11.20 3.93
C ASP B 142 0.40 9.79 3.72
N VAL B 143 -0.30 9.01 2.88
CA VAL B 143 0.14 7.67 2.53
C VAL B 143 1.43 7.76 1.71
N ALA B 144 1.46 8.63 0.69
CA ALA B 144 2.65 8.75 -0.13
C ALA B 144 3.89 9.14 0.68
N HIS B 145 3.72 10.11 1.55
CA HIS B 145 4.85 10.57 2.38
C HIS B 145 5.35 9.44 3.27
N ALA B 146 4.41 8.67 3.85
CA ALA B 146 4.80 7.54 4.68
C ALA B 146 5.68 6.52 3.94
N LEU B 147 5.41 6.30 2.65
CA LEU B 147 6.07 5.27 1.87
C LEU B 147 7.12 5.83 0.90
N ASN B 148 7.46 7.10 1.02
CA ASN B 148 8.50 7.70 0.20
CA ASN B 148 8.48 7.73 0.19
C ASN B 148 8.16 7.55 -1.29
N LEU B 149 6.92 7.90 -1.65
CA LEU B 149 6.62 8.04 -3.05
C LEU B 149 6.07 9.44 -3.29
N GLY B 150 6.16 9.87 -4.53
CA GLY B 150 5.71 11.20 -4.88
C GLY B 150 4.19 11.30 -4.92
N VAL B 151 3.69 12.51 -4.60
CA VAL B 151 2.27 12.76 -4.72
C VAL B 151 1.99 14.08 -5.45
N GLU B 152 1.12 13.99 -6.45
CA GLU B 152 0.63 15.11 -7.23
C GLU B 152 -0.86 15.30 -6.95
N GLY B 153 -1.27 16.57 -6.86
CA GLY B 153 -2.66 16.96 -6.85
C GLY B 153 -2.88 18.07 -7.91
N GLU B 154 -4.14 18.46 -8.08
CA GLU B 154 -4.57 19.40 -9.10
C GLU B 154 -5.63 20.33 -8.49
N ILE B 155 -5.43 21.65 -8.69
CA ILE B 155 -6.42 22.65 -8.34
C ILE B 155 -6.65 23.48 -9.61
N GLY B 156 -7.92 23.48 -10.03
CA GLY B 156 -8.35 24.05 -11.30
C GLY B 156 -8.36 22.99 -12.40
N LYS B 157 -9.49 22.95 -13.12
CA LYS B 157 -9.73 21.97 -14.15
C LYS B 157 -8.86 22.26 -15.38
N ILE B 158 -8.35 21.16 -15.99
CA ILE B 158 -7.67 21.18 -17.27
C ILE B 158 -8.46 20.26 -18.19
N GLY B 159 -8.99 20.84 -19.28
CA GLY B 159 -9.93 20.11 -20.12
C GLY B 159 -9.24 19.56 -21.38
N GLY B 160 -10.07 19.31 -22.41
CA GLY B 160 -9.59 18.93 -23.73
C GLY B 160 -9.50 20.14 -24.67
N THR B 161 -8.68 20.01 -25.72
CA THR B 161 -8.41 21.10 -26.65
C THR B 161 -9.66 21.51 -27.45
N GLU B 162 -10.65 20.61 -27.55
CA GLU B 162 -11.93 20.89 -28.19
C GLU B 162 -12.97 21.24 -27.11
N LEU B 173 -10.41 30.89 -15.86
CA LEU B 173 -9.99 29.46 -15.87
C LEU B 173 -8.54 29.30 -15.40
N ILE B 174 -7.72 30.35 -15.43
CA ILE B 174 -6.38 30.28 -14.84
C ILE B 174 -6.48 30.20 -13.32
N THR B 175 -5.76 29.24 -12.72
CA THR B 175 -5.67 29.09 -11.27
C THR B 175 -5.04 30.33 -10.63
N SER B 176 -5.65 30.78 -9.53
CA SER B 176 -5.08 31.88 -8.76
C SER B 176 -3.93 31.40 -7.88
N CYS B 177 -2.98 32.30 -7.62
CA CYS B 177 -1.87 32.03 -6.74
C CYS B 177 -2.40 31.73 -5.32
N ALA B 178 -3.41 32.47 -4.86
CA ALA B 178 -3.85 32.26 -3.50
C ALA B 178 -4.52 30.89 -3.32
N GLU B 179 -5.33 30.45 -4.29
CA GLU B 179 -6.02 29.17 -4.24
C GLU B 179 -5.00 28.03 -4.30
N ALA B 180 -3.96 28.22 -5.12
CA ALA B 180 -2.89 27.24 -5.24
C ALA B 180 -2.09 27.11 -3.96
N LEU B 181 -1.78 28.24 -3.29
CA LEU B 181 -1.11 28.22 -1.99
C LEU B 181 -1.95 27.51 -0.92
N LYS B 182 -3.25 27.86 -0.82
CA LYS B 182 -4.09 27.26 0.21
C LYS B 182 -4.17 25.75 -0.02
N PHE B 183 -4.47 25.37 -1.27
CA PHE B 183 -4.54 23.96 -1.64
C PHE B 183 -3.24 23.22 -1.28
N SER B 184 -2.10 23.78 -1.72
CA SER B 184 -0.80 23.20 -1.48
C SER B 184 -0.53 23.00 0.01
N GLU B 185 -0.87 23.98 0.85
CA GLU B 185 -0.48 23.92 2.25
C GLU B 185 -1.38 22.93 3.00
N LEU B 186 -2.66 22.88 2.63
CA LEU B 186 -3.58 21.96 3.26
C LEU B 186 -3.31 20.50 2.84
N THR B 187 -2.89 20.27 1.60
CA THR B 187 -2.75 18.90 1.07
C THR B 187 -1.36 18.32 1.27
N THR B 188 -0.33 19.17 1.33
CA THR B 188 1.05 18.76 1.42
C THR B 188 1.52 17.99 0.18
N VAL B 189 0.91 18.26 -0.98
CA VAL B 189 1.38 17.64 -2.22
C VAL B 189 2.83 18.00 -2.46
N ASP B 190 3.52 17.14 -3.21
CA ASP B 190 4.92 17.33 -3.53
C ASP B 190 5.01 18.18 -4.79
N TYR B 191 4.11 17.96 -5.75
CA TYR B 191 4.08 18.73 -7.00
C TYR B 191 2.63 18.95 -7.35
N LEU B 192 2.35 20.06 -8.03
CA LEU B 192 1.02 20.58 -8.18
C LEU B 192 0.72 20.89 -9.64
N ALA B 193 -0.39 20.35 -10.12
CA ALA B 193 -0.96 20.69 -11.41
C ALA B 193 -1.92 21.86 -11.23
N VAL B 194 -1.80 22.86 -12.13
CA VAL B 194 -2.65 24.04 -12.08
C VAL B 194 -3.10 24.35 -13.51
N SER B 195 -4.15 25.16 -13.63
CA SER B 195 -4.66 25.60 -14.93
C SER B 195 -3.91 26.86 -15.36
N ILE B 196 -3.11 26.75 -16.42
CA ILE B 196 -2.12 27.76 -16.75
C ILE B 196 -2.12 28.10 -18.24
N GLY B 197 -3.15 27.65 -18.99
CA GLY B 197 -3.28 27.87 -20.43
C GLY B 197 -3.11 26.61 -21.31
N THR B 198 -3.01 25.41 -20.74
CA THR B 198 -2.85 24.20 -21.53
C THR B 198 -4.17 23.40 -21.58
N ALA B 199 -4.20 22.33 -22.39
CA ALA B 199 -5.31 21.38 -22.42
C ALA B 199 -4.83 20.05 -22.99
N HIS B 200 -5.60 18.96 -22.77
CA HIS B 200 -5.26 17.64 -23.25
CA HIS B 200 -5.26 17.64 -23.25
C HIS B 200 -5.73 17.46 -24.69
N GLY B 201 -4.91 16.78 -25.52
CA GLY B 201 -5.28 16.42 -26.89
C GLY B 201 -4.50 17.24 -27.92
N MET B 202 -4.92 17.17 -29.21
CA MET B 202 -4.34 17.95 -30.29
C MET B 202 -4.79 19.41 -30.17
N TYR B 203 -3.86 20.38 -30.14
CA TYR B 203 -4.26 21.77 -29.98
C TYR B 203 -4.93 22.26 -31.27
N LYS B 204 -6.13 22.85 -31.13
CA LYS B 204 -6.82 23.53 -32.21
C LYS B 204 -6.09 24.85 -32.47
N GLN B 205 -6.15 25.78 -31.51
CA GLN B 205 -5.43 27.04 -31.55
C GLN B 205 -4.10 26.88 -30.79
N GLU B 206 -3.10 27.69 -31.14
CA GLU B 206 -1.81 27.68 -30.46
C GLU B 206 -1.99 28.19 -29.02
N PRO B 207 -1.57 27.45 -27.97
CA PRO B 207 -1.75 27.93 -26.59
C PRO B 207 -0.82 29.08 -26.23
N LYS B 208 -1.17 29.86 -25.19
CA LYS B 208 -0.30 30.86 -24.60
C LYS B 208 -0.31 30.70 -23.07
N LEU B 209 0.81 30.24 -22.53
CA LEU B 209 0.91 29.95 -21.10
C LEU B 209 0.88 31.22 -20.27
N ALA B 210 0.39 31.08 -19.03
CA ALA B 210 0.33 32.19 -18.08
C ALA B 210 1.65 32.27 -17.32
N PHE B 211 2.67 32.82 -17.97
CA PHE B 211 4.01 32.85 -17.43
C PHE B 211 4.12 33.65 -16.12
N GLU B 212 3.41 34.78 -16.05
CA GLU B 212 3.54 35.63 -14.89
C GLU B 212 2.92 34.90 -13.69
N ARG B 213 1.84 34.13 -13.94
CA ARG B 213 1.18 33.38 -12.88
C ARG B 213 2.13 32.29 -12.39
N LEU B 214 2.82 31.62 -13.33
CA LEU B 214 3.79 30.59 -12.97
C LEU B 214 4.86 31.17 -12.05
N GLN B 215 5.41 32.32 -12.41
CA GLN B 215 6.41 32.98 -11.62
C GLN B 215 5.94 33.30 -10.20
N GLU B 216 4.73 33.83 -10.06
CA GLU B 216 4.15 34.11 -8.75
C GLU B 216 4.07 32.80 -7.94
N MET B 217 3.61 31.70 -8.58
CA MET B 217 3.49 30.45 -7.87
C MET B 217 4.85 29.96 -7.40
N ARG B 218 5.87 30.10 -8.23
CA ARG B 218 7.22 29.69 -7.89
C ARG B 218 7.66 30.38 -6.60
N GLU B 219 7.30 31.66 -6.43
CA GLU B 219 7.79 32.44 -5.31
C GLU B 219 6.90 32.29 -4.08
N ILE B 220 5.61 32.03 -4.27
CA ILE B 220 4.66 31.99 -3.16
C ILE B 220 4.33 30.55 -2.75
N VAL B 221 4.02 29.70 -3.73
CA VAL B 221 3.67 28.31 -3.44
C VAL B 221 4.94 27.50 -3.11
N LYS B 222 6.03 27.78 -3.85
CA LYS B 222 7.34 27.23 -3.63
C LYS B 222 7.32 25.71 -3.74
N LYS B 223 6.61 25.24 -4.74
CA LYS B 223 6.66 23.84 -5.09
C LYS B 223 6.69 23.69 -6.60
N PRO B 224 7.25 22.57 -7.07
CA PRO B 224 7.28 22.25 -8.49
C PRO B 224 5.89 22.16 -9.06
N ILE B 225 5.74 22.73 -10.25
CA ILE B 225 4.50 22.74 -10.98
C ILE B 225 4.53 21.67 -12.07
N VAL B 226 3.37 21.04 -12.26
CA VAL B 226 3.20 20.03 -13.28
C VAL B 226 2.42 20.65 -14.43
N LEU B 227 2.93 20.47 -15.66
CA LEU B 227 2.23 20.92 -16.84
C LEU B 227 1.49 19.77 -17.51
N HIS B 228 0.15 19.80 -17.41
CA HIS B 228 -0.71 18.88 -18.14
C HIS B 228 -0.87 19.47 -19.54
N GLY B 229 -1.20 18.62 -20.51
CA GLY B 229 -1.35 19.04 -21.88
C GLY B 229 -0.03 19.46 -22.55
N GLY B 230 1.09 18.76 -22.27
CA GLY B 230 2.39 19.11 -22.83
C GLY B 230 2.57 18.81 -24.32
N SER B 231 1.73 17.93 -24.89
CA SER B 231 1.81 17.56 -26.30
C SER B 231 1.49 18.81 -27.14
N GLY B 232 2.36 19.16 -28.09
CA GLY B 232 1.99 20.19 -29.06
C GLY B 232 2.16 21.64 -28.56
N VAL B 233 2.65 21.83 -27.33
CA VAL B 233 2.96 23.21 -26.88
C VAL B 233 4.23 23.67 -27.58
N PRO B 234 4.28 24.91 -28.14
CA PRO B 234 5.52 25.41 -28.72
C PRO B 234 6.73 25.22 -27.80
N ASP B 235 7.83 24.75 -28.36
CA ASP B 235 9.06 24.49 -27.63
C ASP B 235 9.53 25.69 -26.81
N GLU B 236 9.47 26.91 -27.37
CA GLU B 236 10.00 28.05 -26.64
C GLU B 236 9.18 28.31 -25.37
N GLN B 237 7.87 28.11 -25.43
CA GLN B 237 7.02 28.29 -24.27
C GLN B 237 7.27 27.20 -23.22
N ILE B 238 7.57 25.97 -23.66
CA ILE B 238 7.94 24.90 -22.71
C ILE B 238 9.22 25.27 -21.99
N ARG B 239 10.22 25.71 -22.74
CA ARG B 239 11.50 26.05 -22.16
C ARG B 239 11.28 27.13 -21.12
N ARG B 240 10.48 28.14 -21.46
CA ARG B 240 10.31 29.28 -20.56
C ARG B 240 9.59 28.83 -19.29
N ALA B 241 8.53 28.03 -19.47
CA ALA B 241 7.78 27.47 -18.34
C ALA B 241 8.69 26.71 -17.38
N ILE B 242 9.62 25.91 -17.90
CA ILE B 242 10.54 25.13 -17.07
C ILE B 242 11.44 26.05 -16.25
N THR B 243 11.92 27.15 -16.85
CA THR B 243 12.77 28.05 -16.09
C THR B 243 11.97 28.73 -14.98
N LEU B 244 10.64 28.78 -15.12
CA LEU B 244 9.78 29.40 -14.13
C LEU B 244 9.19 28.37 -13.15
N GLY B 245 9.66 27.12 -13.18
CA GLY B 245 9.42 26.14 -12.11
C GLY B 245 8.50 24.98 -12.50
N VAL B 246 8.16 24.87 -13.77
CA VAL B 246 7.52 23.65 -14.25
C VAL B 246 8.59 22.57 -14.29
N ALA B 247 8.40 21.50 -13.47
CA ALA B 247 9.41 20.48 -13.31
C ALA B 247 8.92 19.06 -13.69
N LYS B 248 7.67 18.95 -14.10
CA LYS B 248 7.12 17.74 -14.70
C LYS B 248 6.24 18.13 -15.87
N VAL B 249 6.53 17.55 -17.04
CA VAL B 249 5.75 17.79 -18.24
C VAL B 249 5.16 16.48 -18.72
N ASN B 250 3.83 16.46 -18.76
CA ASN B 250 3.08 15.29 -19.19
C ASN B 250 3.00 15.28 -20.72
N VAL B 251 3.37 14.13 -21.31
CA VAL B 251 3.27 13.95 -22.75
C VAL B 251 2.61 12.61 -23.03
N ASP B 252 1.49 12.60 -23.73
CA ASP B 252 0.84 11.36 -24.12
C ASP B 252 0.50 11.37 -25.62
N THR B 253 -0.42 12.25 -26.00
CA THR B 253 -0.95 12.30 -27.38
C THR B 253 0.16 12.36 -28.43
N GLU B 254 1.17 13.19 -28.19
CA GLU B 254 2.23 13.38 -29.16
C GLU B 254 3.03 12.09 -29.36
N LEU B 255 3.13 11.26 -28.31
CA LEU B 255 3.80 9.97 -28.46
C LEU B 255 2.92 9.01 -29.24
N ARG B 256 1.62 8.96 -28.95
CA ARG B 256 0.74 8.06 -29.66
C ARG B 256 0.65 8.44 -31.15
N GLN B 257 0.72 9.76 -31.40
CA GLN B 257 0.77 10.22 -32.78
C GLN B 257 2.03 9.70 -33.47
N ALA B 258 3.20 9.88 -32.83
CA ALA B 258 4.45 9.37 -33.37
C ALA B 258 4.40 7.87 -33.62
N PHE B 259 3.91 7.11 -32.64
CA PHE B 259 3.76 5.66 -32.82
C PHE B 259 2.90 5.32 -34.04
N THR B 260 1.73 5.94 -34.10
CA THR B 260 0.73 5.71 -35.13
C THR B 260 1.28 6.08 -36.52
N GLN B 261 2.05 7.15 -36.58
CA GLN B 261 2.69 7.53 -37.83
C GLN B 261 3.63 6.43 -38.31
N GLY B 262 4.48 5.88 -37.42
CA GLY B 262 5.40 4.83 -37.84
C GLY B 262 4.67 3.58 -38.34
N VAL B 263 3.62 3.18 -37.61
CA VAL B 263 2.90 1.99 -38.00
C VAL B 263 2.25 2.25 -39.36
N SER B 264 1.55 3.38 -39.46
CA SER B 264 0.80 3.76 -40.65
C SER B 264 1.69 3.73 -41.88
N GLU B 265 2.91 4.23 -41.72
CA GLU B 265 3.87 4.33 -42.80
C GLU B 265 4.10 2.94 -43.38
N VAL B 266 4.42 1.97 -42.51
CA VAL B 266 4.69 0.61 -42.94
C VAL B 266 3.46 0.02 -43.62
N LEU B 267 2.26 0.13 -43.00
CA LEU B 267 1.11 -0.60 -43.49
C LEU B 267 0.51 0.01 -44.75
N ALA B 268 0.69 1.32 -44.92
CA ALA B 268 0.20 1.96 -46.14
C ALA B 268 1.09 1.54 -47.33
N ALA B 269 2.39 1.38 -47.06
CA ALA B 269 3.35 1.04 -48.10
C ALA B 269 3.33 -0.46 -48.41
N SER B 270 3.01 -1.32 -47.42
CA SER B 270 3.14 -2.76 -47.53
C SER B 270 2.02 -3.36 -46.70
N PRO B 271 0.79 -3.38 -47.23
CA PRO B 271 -0.35 -3.77 -46.40
C PRO B 271 -0.27 -5.25 -46.02
N ASP B 272 0.55 -6.05 -46.74
CA ASP B 272 0.70 -7.46 -46.41
C ASP B 272 1.97 -7.73 -45.58
N GLU B 273 2.52 -6.68 -45.01
CA GLU B 273 3.58 -6.80 -44.03
C GLU B 273 2.98 -7.32 -42.72
N TYR B 274 3.20 -8.61 -42.43
CA TYR B 274 2.60 -9.20 -41.24
C TYR B 274 3.63 -9.38 -40.12
N VAL B 275 4.86 -8.93 -40.34
CA VAL B 275 5.86 -9.01 -39.28
C VAL B 275 5.67 -7.81 -38.35
N LEU B 276 5.18 -8.07 -37.12
CA LEU B 276 4.84 -7.03 -36.16
C LEU B 276 6.12 -6.30 -35.72
N ALA B 277 7.24 -7.02 -35.76
CA ALA B 277 8.52 -6.42 -35.46
C ALA B 277 8.85 -5.30 -36.45
N VAL B 278 8.23 -5.33 -37.62
CA VAL B 278 8.48 -4.31 -38.64
C VAL B 278 7.47 -3.17 -38.49
N SER B 279 6.19 -3.50 -38.50
CA SER B 279 5.15 -2.50 -38.46
C SER B 279 5.11 -1.80 -37.10
N LEU B 280 4.97 -2.59 -36.03
CA LEU B 280 4.90 -1.98 -34.70
C LEU B 280 6.28 -1.52 -34.26
N GLY B 281 7.36 -2.17 -34.74
CA GLY B 281 8.71 -1.75 -34.44
C GLY B 281 9.01 -0.37 -35.05
N ARG B 282 8.45 -0.06 -36.23
CA ARG B 282 8.65 1.27 -36.79
C ARG B 282 7.91 2.32 -35.94
N GLY B 283 6.70 1.97 -35.49
CA GLY B 283 6.00 2.82 -34.53
C GLY B 283 6.88 3.06 -33.29
N ARG B 284 7.48 1.99 -32.79
CA ARG B 284 8.36 2.10 -31.64
C ARG B 284 9.51 3.06 -31.94
N ASP B 285 10.13 2.92 -33.12
CA ASP B 285 11.28 3.75 -33.47
C ASP B 285 10.87 5.22 -33.56
N VAL B 286 9.78 5.52 -34.23
CA VAL B 286 9.36 6.91 -34.41
C VAL B 286 8.96 7.52 -33.07
N MET B 287 8.30 6.72 -32.20
CA MET B 287 7.97 7.19 -30.87
C MET B 287 9.23 7.42 -30.05
N GLN B 288 10.25 6.55 -30.15
CA GLN B 288 11.48 6.69 -29.40
C GLN B 288 12.17 8.02 -29.76
N GLN B 289 12.19 8.36 -31.05
CA GLN B 289 12.77 9.63 -31.48
C GLN B 289 12.02 10.81 -30.87
N LYS B 290 10.70 10.73 -30.77
CA LYS B 290 9.90 11.76 -30.16
C LYS B 290 10.23 11.89 -28.67
N VAL B 291 10.38 10.76 -27.97
CA VAL B 291 10.71 10.83 -26.57
C VAL B 291 12.09 11.46 -26.38
N ILE B 292 13.04 11.12 -27.25
CA ILE B 292 14.37 11.71 -27.20
C ILE B 292 14.28 13.23 -27.35
N GLU B 293 13.44 13.67 -28.31
CA GLU B 293 13.21 15.07 -28.57
C GLU B 293 12.67 15.78 -27.33
N LYS B 294 11.68 15.16 -26.65
CA LYS B 294 11.13 15.75 -25.45
C LYS B 294 12.11 15.78 -24.28
N ILE B 295 12.90 14.70 -24.08
CA ILE B 295 13.88 14.65 -23.03
C ILE B 295 14.80 15.85 -23.16
N ARG B 296 15.22 16.11 -24.41
CA ARG B 296 16.19 17.19 -24.61
C ARG B 296 15.52 18.54 -24.41
N LEU B 297 14.30 18.66 -24.88
CA LEU B 297 13.54 19.87 -24.69
C LEU B 297 13.46 20.22 -23.20
N PHE B 298 13.23 19.20 -22.39
CA PHE B 298 13.03 19.39 -20.96
C PHE B 298 14.31 19.66 -20.19
N GLY B 299 15.48 19.49 -20.83
CA GLY B 299 16.76 19.67 -20.17
C GLY B 299 17.15 18.54 -19.23
N SER B 300 16.57 17.32 -19.42
CA SER B 300 16.82 16.19 -18.56
C SER B 300 17.89 15.24 -19.09
N GLN B 301 18.43 15.47 -20.31
CA GLN B 301 19.46 14.56 -20.82
C GLN B 301 20.71 14.67 -19.95
N GLY B 302 21.38 13.55 -19.67
CA GLY B 302 22.57 13.51 -18.83
C GLY B 302 22.32 13.55 -17.33
N GLN B 303 21.09 13.87 -16.89
CA GLN B 303 20.85 14.14 -15.49
C GLN B 303 20.76 12.83 -14.69
N ALA B 304 20.79 11.66 -15.35
CA ALA B 304 20.87 10.41 -14.61
C ALA B 304 22.08 10.38 -13.67
N ALA B 305 23.19 11.01 -14.09
CA ALA B 305 24.42 11.05 -13.30
C ALA B 305 24.21 11.63 -11.90
N ALA B 306 23.25 12.55 -11.77
CA ALA B 306 23.01 13.22 -10.50
C ALA B 306 22.40 12.29 -9.46
N PHE B 307 21.89 11.10 -9.82
CA PHE B 307 21.12 10.28 -8.89
C PHE B 307 21.88 9.02 -8.48
S SO4 C . 4.63 -7.89 19.76
O1 SO4 C . 4.60 -9.16 19.09
O2 SO4 C . 3.91 -8.04 21.01
O3 SO4 C . 5.95 -7.47 19.94
O4 SO4 C . 3.95 -6.89 18.98
S SO4 D . 0.17 -12.88 25.03
O1 SO4 D . 0.45 -13.92 24.12
O2 SO4 D . -1.02 -13.31 25.73
O3 SO4 D . 1.22 -12.75 26.02
O4 SO4 D . -0.04 -11.61 24.44
ZN ZN E . -1.91 -6.78 22.52
ZN ZN F . -1.98 -4.93 23.04
NA NA G . -1.03 -13.34 28.53
C1 BTB H . -22.41 -16.72 37.31
O1 BTB H . -23.22 -17.54 38.15
C2 BTB H . -23.24 -15.62 36.64
C3 BTB H . -24.41 -15.19 37.55
O3 BTB H . -25.44 -14.53 36.83
C4 BTB H . -22.33 -14.40 36.40
O4 BTB H . -22.94 -13.52 35.46
N BTB H . -23.76 -16.10 35.28
C5 BTB H . -24.86 -17.13 35.32
C6 BTB H . -26.14 -16.60 34.71
O6 BTB H . -26.00 -16.23 33.34
C7 BTB H . -22.74 -16.38 34.20
C8 BTB H . -22.99 -15.46 33.03
O8 BTB H . -23.22 -16.16 31.81
C1 BTB I . 2.83 11.11 10.17
O1 BTB I . 3.83 11.52 11.09
C2 BTB I . 1.41 11.47 10.64
C3 BTB I . 1.01 10.37 11.63
O3 BTB I . -0.06 10.75 12.48
C4 BTB I . 1.39 12.87 11.29
O4 BTB I . 1.56 12.84 12.69
N BTB I . 0.44 11.65 9.47
C5 BTB I . -0.12 10.41 8.85
C6 BTB I . -1.60 10.24 9.07
O6 BTB I . -1.98 10.87 10.25
C7 BTB I . 0.91 12.66 8.45
C8 BTB I . 0.24 14.00 8.61
O8 BTB I . -0.77 13.90 9.60
S SO4 J . -1.52 15.54 -23.82
O1 SO4 J . -0.66 14.46 -24.13
O2 SO4 J . -2.61 15.60 -24.81
O3 SO4 J . -2.08 15.40 -22.48
O4 SO4 J . -0.76 16.82 -23.88
S SO4 K . -5.15 9.22 -19.31
O1 SO4 K . -3.93 8.60 -19.80
O2 SO4 K . -6.26 8.41 -19.72
O3 SO4 K . -5.15 9.35 -17.84
O4 SO4 K . -5.22 10.56 -19.88
ZN ZN L . -3.96 16.10 -17.25
ZN ZN M . -5.40 16.87 -16.31
NA NA N . -2.04 18.80 -25.46
C1 BTB O . -13.99 6.23 0.09
O1 BTB O . -13.11 5.99 -1.00
C2 BTB O . -13.91 7.70 0.54
C3 BTB O . -13.35 8.55 -0.61
O3 BTB O . -13.26 9.91 -0.23
C4 BTB O . -15.32 8.21 0.87
O4 BTB O . -15.24 9.45 1.54
N BTB O . -13.04 7.86 1.80
C5 BTB O . -11.55 7.85 1.61
C6 BTB O . -11.04 9.26 1.67
O6 BTB O . -9.73 9.31 2.21
C7 BTB O . -13.47 7.07 3.00
C8 BTB O . -13.94 8.00 4.10
O8 BTB O . -15.29 8.40 3.89
#